data_2RG8
#
_entry.id   2RG8
#
_cell.length_a   37.680
_cell.length_b   70.060
_cell.length_c   110.880
_cell.angle_alpha   90.00
_cell.angle_beta   90.00
_cell.angle_gamma   90.00
#
_symmetry.space_group_name_H-M   'P 21 21 21'
#
loop_
_entity.id
_entity.type
_entity.pdbx_description
1 polymer 'Programmed cell death protein 4'
2 non-polymer 'CHLORIDE ION'
3 non-polymer 'SODIUM ION'
4 water water
#
_entity_poly.entity_id   1
_entity_poly.type   'polypeptide(L)'
_entity_poly.pdbx_seq_one_letter_code
;GLPLDERAFEKTLTPIIQEYFEHGDTNEVAE(MSE)LRDLNLGE(MSE)KSGVPVLAVSLALEGKASHRE(MSE)TSKLL
SDLCGTV(MSE)STTDVEKSFDKLLKDLPELALDTPRAPQLVGQFIARAVGDGILCNTYIDSYKGTVDCVQARAALDKAT
VLLS(MSE)SKGGKRKDSVWGSGGG
;
_entity_poly.pdbx_strand_id   A,B
#
# COMPACT_ATOMS: atom_id res chain seq x y z
N GLY A 1 10.83 15.65 -15.24
CA GLY A 1 11.02 15.85 -16.72
C GLY A 1 10.24 14.85 -17.55
N LEU A 2 10.94 13.86 -18.10
CA LEU A 2 10.32 12.84 -18.93
C LEU A 2 10.38 11.48 -18.24
N PRO A 3 9.31 10.68 -18.34
CA PRO A 3 9.24 9.35 -17.74
C PRO A 3 9.97 8.28 -18.55
N LEU A 4 10.42 7.22 -17.87
CA LEU A 4 11.13 6.13 -18.52
C LEU A 4 10.33 4.84 -18.58
N ASP A 5 10.60 4.03 -19.59
CA ASP A 5 9.96 2.73 -19.78
C ASP A 5 8.43 2.81 -19.84
N GLU A 6 7.92 3.86 -20.46
CA GLU A 6 6.48 4.05 -20.56
C GLU A 6 5.72 2.93 -21.23
N ARG A 7 6.25 2.41 -22.34
CA ARG A 7 5.58 1.35 -23.08
C ARG A 7 5.52 0.06 -22.28
N ALA A 8 6.63 -0.31 -21.66
CA ALA A 8 6.69 -1.52 -20.87
C ALA A 8 5.83 -1.32 -19.62
N PHE A 9 5.87 -0.09 -19.10
CA PHE A 9 5.10 0.29 -17.92
C PHE A 9 3.63 -0.05 -18.10
N GLU A 10 3.06 0.40 -19.21
CA GLU A 10 1.65 0.16 -19.50
C GLU A 10 1.37 -1.33 -19.65
N LYS A 11 2.29 -2.06 -20.25
CA LYS A 11 2.11 -3.48 -20.43
C LYS A 11 2.14 -4.21 -19.09
N THR A 12 2.99 -3.76 -18.18
CA THR A 12 3.11 -4.38 -16.87
C THR A 12 1.97 -4.05 -15.90
N LEU A 13 1.59 -2.78 -15.84
CA LEU A 13 0.54 -2.34 -14.92
C LEU A 13 -0.91 -2.61 -15.33
N THR A 14 -1.18 -2.68 -16.63
CA THR A 14 -2.55 -2.89 -17.08
C THR A 14 -3.24 -4.12 -16.46
N PRO A 15 -2.61 -5.30 -16.53
CA PRO A 15 -3.22 -6.50 -15.94
C PRO A 15 -3.42 -6.36 -14.43
N ILE A 16 -2.50 -5.66 -13.78
CA ILE A 16 -2.58 -5.46 -12.32
C ILE A 16 -3.79 -4.61 -11.98
N ILE A 17 -4.01 -3.54 -12.74
CA ILE A 17 -5.15 -2.66 -12.50
C ILE A 17 -6.45 -3.37 -12.86
N GLN A 18 -6.46 -4.06 -14.00
CA GLN A 18 -7.66 -4.80 -14.41
C GLN A 18 -8.03 -5.83 -13.37
N GLU A 19 -7.02 -6.50 -12.80
CA GLU A 19 -7.29 -7.50 -11.78
C GLU A 19 -7.91 -6.82 -10.56
N TYR A 20 -7.38 -5.65 -10.20
CA TYR A 20 -7.89 -4.90 -9.06
C TYR A 20 -9.38 -4.60 -9.23
N PHE A 21 -9.81 -4.28 -10.46
CA PHE A 21 -11.22 -3.99 -10.68
C PHE A 21 -12.09 -5.18 -10.27
N GLU A 22 -11.50 -6.36 -10.24
CA GLU A 22 -12.23 -7.57 -9.86
C GLU A 22 -12.08 -7.95 -8.38
N HIS A 23 -10.87 -7.87 -7.84
CA HIS A 23 -10.68 -8.24 -6.43
C HIS A 23 -10.88 -7.11 -5.43
N GLY A 24 -10.76 -5.87 -5.88
CA GLY A 24 -10.98 -4.72 -5.03
C GLY A 24 -10.03 -4.45 -3.87
N ASP A 25 -8.91 -5.17 -3.81
CA ASP A 25 -7.94 -4.98 -2.74
C ASP A 25 -6.85 -3.99 -3.15
N THR A 26 -6.91 -2.77 -2.62
CA THR A 26 -5.91 -1.77 -2.97
C THR A 26 -4.51 -2.15 -2.45
N ASN A 27 -4.47 -2.96 -1.40
CA ASN A 27 -3.18 -3.38 -0.84
C ASN A 27 -2.43 -4.27 -1.83
N GLU A 28 -3.16 -4.96 -2.69
CA GLU A 28 -2.56 -5.82 -3.70
C GLU A 28 -1.81 -4.92 -4.67
N VAL A 29 -2.46 -3.84 -5.10
CA VAL A 29 -1.84 -2.91 -6.01
C VAL A 29 -0.64 -2.25 -5.32
N ALA A 30 -0.82 -1.86 -4.06
CA ALA A 30 0.27 -1.24 -3.31
C ALA A 30 1.49 -2.13 -3.25
N GLU A 31 1.29 -3.42 -3.03
CA GLU A 31 2.41 -4.35 -2.96
C GLU A 31 3.14 -4.44 -4.28
N LEU A 33 3.34 -2.16 -6.53
CA LEU A 33 4.08 -0.93 -6.73
C LEU A 33 5.33 -0.90 -5.86
N ARG A 34 5.25 -1.45 -4.64
CA ARG A 34 6.44 -1.49 -3.78
C ARG A 34 7.48 -2.40 -4.43
N ASP A 35 7.04 -3.48 -5.06
CA ASP A 35 7.97 -4.39 -5.73
C ASP A 35 8.65 -3.70 -6.90
N LEU A 36 7.90 -2.91 -7.65
CA LEU A 36 8.43 -2.22 -8.81
C LEU A 36 9.36 -1.05 -8.50
N ASN A 37 9.14 -0.39 -7.36
CA ASN A 37 9.96 0.75 -6.95
C ASN A 37 10.11 1.72 -8.11
N LEU A 38 8.97 2.23 -8.59
CA LEU A 38 8.94 3.15 -9.72
C LEU A 38 9.57 4.51 -9.46
N GLY A 39 10.17 5.07 -10.50
CA GLY A 39 10.78 6.38 -10.37
C GLY A 39 9.68 7.40 -10.51
N GLU A 40 9.86 8.34 -11.43
CA GLU A 40 8.85 9.37 -11.65
C GLU A 40 7.61 8.75 -12.30
N LYS A 42 5.85 6.91 -11.20
CA LYS A 42 4.90 6.72 -10.11
C LYS A 42 3.62 7.45 -10.54
N SER A 43 3.81 8.64 -11.10
CA SER A 43 2.71 9.47 -11.56
C SER A 43 1.93 8.82 -12.69
N GLY A 44 2.52 7.80 -13.32
CA GLY A 44 1.84 7.15 -14.41
C GLY A 44 0.76 6.16 -13.98
N VAL A 45 0.76 5.77 -12.71
CA VAL A 45 -0.22 4.81 -12.23
C VAL A 45 -1.64 5.36 -12.25
N PRO A 46 -1.88 6.54 -11.66
CA PRO A 46 -3.23 7.10 -11.66
C PRO A 46 -3.74 7.32 -13.08
N VAL A 47 -2.88 7.84 -13.94
CA VAL A 47 -3.27 8.08 -15.32
C VAL A 47 -3.74 6.80 -15.98
N LEU A 48 -2.96 5.73 -15.83
CA LEU A 48 -3.33 4.46 -16.44
C LEU A 48 -4.61 3.92 -15.81
N ALA A 49 -4.70 3.99 -14.49
CA ALA A 49 -5.89 3.48 -13.80
C ALA A 49 -7.15 4.20 -14.29
N VAL A 50 -7.07 5.53 -14.35
CA VAL A 50 -8.21 6.32 -14.81
C VAL A 50 -8.54 5.98 -16.27
N SER A 51 -7.52 5.93 -17.10
CA SER A 51 -7.69 5.62 -18.51
C SER A 51 -8.42 4.29 -18.72
N LEU A 52 -8.03 3.27 -17.97
CA LEU A 52 -8.69 1.97 -18.10
C LEU A 52 -10.11 2.03 -17.54
N ALA A 53 -10.30 2.73 -16.43
CA ALA A 53 -11.62 2.83 -15.82
C ALA A 53 -12.61 3.57 -16.71
N LEU A 54 -12.12 4.54 -17.48
CA LEU A 54 -12.99 5.31 -18.38
C LEU A 54 -13.72 4.41 -19.37
N GLU A 55 -13.07 3.32 -19.79
CA GLU A 55 -13.68 2.40 -20.73
C GLU A 55 -14.37 1.23 -20.02
N GLY A 56 -14.35 1.25 -18.70
CA GLY A 56 -14.96 0.18 -17.93
C GLY A 56 -16.30 0.55 -17.32
N LYS A 57 -16.67 -0.17 -16.27
CA LYS A 57 -17.93 0.04 -15.56
C LYS A 57 -17.84 1.25 -14.64
N ALA A 58 -18.99 1.83 -14.30
CA ALA A 58 -19.02 2.99 -13.41
C ALA A 58 -18.41 2.56 -12.08
N SER A 59 -18.61 1.29 -11.72
CA SER A 59 -18.07 0.79 -10.47
C SER A 59 -16.53 0.82 -10.50
N HIS A 60 -15.96 0.58 -11.67
CA HIS A 60 -14.50 0.60 -11.82
C HIS A 60 -13.98 2.01 -11.57
N ARG A 61 -14.74 3.02 -11.99
CA ARG A 61 -14.31 4.39 -11.77
C ARG A 61 -14.34 4.75 -10.28
N GLU A 62 -15.34 4.26 -9.56
CA GLU A 62 -15.41 4.56 -8.13
C GLU A 62 -14.24 3.83 -7.42
N THR A 64 -11.47 3.19 -8.67
CA THR A 64 -10.23 3.88 -9.02
C THR A 64 -10.01 5.08 -8.11
N SER A 65 -11.06 5.84 -7.83
CA SER A 65 -10.92 6.98 -6.93
C SER A 65 -10.48 6.48 -5.57
N LYS A 66 -11.04 5.33 -5.14
CA LYS A 66 -10.67 4.75 -3.86
C LYS A 66 -9.21 4.33 -3.88
N LEU A 67 -8.76 3.76 -4.99
CA LEU A 67 -7.37 3.33 -5.11
C LEU A 67 -6.42 4.52 -4.98
N LEU A 68 -6.74 5.62 -5.67
CA LEU A 68 -5.89 6.80 -5.61
C LEU A 68 -5.78 7.32 -4.18
N SER A 69 -6.91 7.37 -3.48
CA SER A 69 -6.91 7.84 -2.10
C SER A 69 -6.04 6.95 -1.22
N ASP A 70 -6.13 5.64 -1.42
CA ASP A 70 -5.34 4.70 -0.62
C ASP A 70 -3.86 4.73 -0.93
N LEU A 71 -3.50 4.78 -2.20
CA LEU A 71 -2.10 4.79 -2.62
C LEU A 71 -1.36 6.07 -2.22
N CYS A 72 -2.07 7.19 -2.25
CA CYS A 72 -1.44 8.46 -1.90
C CYS A 72 -1.13 8.46 -0.40
N GLY A 73 0.15 8.62 -0.08
CA GLY A 73 0.56 8.63 1.31
C GLY A 73 1.12 7.28 1.71
N THR A 74 1.11 6.33 0.77
CA THR A 74 1.62 5.00 1.01
C THR A 74 2.74 4.63 0.02
N VAL A 75 2.45 4.73 -1.27
CA VAL A 75 3.45 4.42 -2.29
C VAL A 75 3.71 5.59 -3.22
N SER A 77 3.13 10.31 -3.40
CA SER A 77 2.76 11.53 -2.70
C SER A 77 1.76 12.38 -3.46
N THR A 78 1.31 13.45 -2.82
CA THR A 78 0.36 14.37 -3.45
C THR A 78 1.00 15.00 -4.67
N THR A 79 2.32 15.10 -4.66
CA THR A 79 3.05 15.68 -5.79
C THR A 79 2.92 14.76 -6.99
N ASP A 80 3.02 13.46 -6.76
CA ASP A 80 2.89 12.49 -7.82
C ASP A 80 1.48 12.55 -8.36
N VAL A 81 0.51 12.66 -7.44
CA VAL A 81 -0.89 12.74 -7.82
C VAL A 81 -1.17 13.95 -8.70
N GLU A 82 -0.65 15.10 -8.32
CA GLU A 82 -0.89 16.30 -9.12
C GLU A 82 -0.30 16.10 -10.51
N LYS A 83 0.88 15.50 -10.59
CA LYS A 83 1.52 15.26 -11.88
C LYS A 83 0.69 14.30 -12.71
N SER A 84 0.02 13.36 -12.04
CA SER A 84 -0.84 12.39 -12.72
C SER A 84 -2.01 13.09 -13.39
N PHE A 85 -2.65 14.01 -12.68
CA PHE A 85 -3.79 14.72 -13.24
C PHE A 85 -3.35 15.65 -14.37
N ASP A 86 -2.14 16.18 -14.27
CA ASP A 86 -1.62 17.05 -15.33
C ASP A 86 -1.51 16.20 -16.59
N LYS A 87 -1.01 14.97 -16.43
CA LYS A 87 -0.86 14.06 -17.56
C LYS A 87 -2.23 13.69 -18.12
N LEU A 88 -3.16 13.39 -17.22
CA LEU A 88 -4.51 13.01 -17.61
C LEU A 88 -5.15 14.12 -18.46
N LEU A 89 -5.02 15.37 -18.03
CA LEU A 89 -5.59 16.48 -18.77
C LEU A 89 -4.99 16.55 -20.17
N LYS A 90 -3.70 16.28 -20.28
CA LYS A 90 -3.02 16.29 -21.58
C LYS A 90 -3.46 15.15 -22.49
N ASP A 91 -3.80 14.01 -21.90
CA ASP A 91 -4.22 12.84 -22.68
C ASP A 91 -5.70 12.86 -23.06
N LEU A 92 -6.45 13.77 -22.45
CA LEU A 92 -7.89 13.87 -22.70
C LEU A 92 -8.33 13.84 -24.16
N PRO A 93 -7.67 14.61 -25.05
CA PRO A 93 -8.09 14.59 -26.46
C PRO A 93 -8.09 13.19 -27.09
N GLU A 94 -7.12 12.37 -26.69
CA GLU A 94 -7.02 11.00 -27.20
C GLU A 94 -8.03 10.10 -26.50
N LEU A 95 -8.14 10.26 -25.19
CA LEU A 95 -9.06 9.44 -24.39
C LEU A 95 -10.51 9.62 -24.84
N ALA A 96 -10.86 10.86 -25.19
CA ALA A 96 -12.22 11.18 -25.62
C ALA A 96 -12.64 10.53 -26.94
N LEU A 97 -11.68 10.02 -27.69
CA LEU A 97 -12.01 9.36 -28.96
C LEU A 97 -12.69 8.03 -28.67
N ASP A 98 -12.26 7.37 -27.60
CA ASP A 98 -12.82 6.09 -27.20
C ASP A 98 -14.00 6.28 -26.25
N THR A 99 -13.95 7.34 -25.46
CA THR A 99 -14.99 7.64 -24.48
C THR A 99 -15.34 9.13 -24.60
N PRO A 100 -16.34 9.47 -25.41
CA PRO A 100 -16.74 10.87 -25.60
C PRO A 100 -16.93 11.67 -24.32
N ARG A 101 -17.46 11.04 -23.27
CA ARG A 101 -17.68 11.74 -22.02
C ARG A 101 -16.49 11.69 -21.08
N ALA A 102 -15.33 11.35 -21.63
CA ALA A 102 -14.10 11.28 -20.83
C ALA A 102 -13.86 12.58 -20.05
N PRO A 103 -14.06 13.75 -20.70
CA PRO A 103 -13.84 15.02 -19.99
C PRO A 103 -14.66 15.14 -18.71
N GLN A 104 -15.94 14.81 -18.81
CA GLN A 104 -16.83 14.88 -17.66
C GLN A 104 -16.46 13.85 -16.60
N LEU A 105 -16.07 12.65 -17.02
CA LEU A 105 -15.69 11.61 -16.08
C LEU A 105 -14.38 11.99 -15.38
N VAL A 106 -13.47 12.64 -16.11
CA VAL A 106 -12.21 13.08 -15.53
C VAL A 106 -12.55 14.19 -14.54
N GLY A 107 -13.60 14.95 -14.86
CA GLY A 107 -14.05 16.01 -13.98
C GLY A 107 -14.42 15.44 -12.62
N GLN A 108 -15.09 14.30 -12.62
CA GLN A 108 -15.48 13.66 -11.37
C GLN A 108 -14.24 13.14 -10.65
N PHE A 109 -13.28 12.60 -11.38
CA PHE A 109 -12.06 12.11 -10.75
C PHE A 109 -11.37 13.26 -10.05
N ILE A 110 -11.35 14.43 -10.69
CA ILE A 110 -10.71 15.59 -10.09
C ILE A 110 -11.43 16.05 -8.82
N ALA A 111 -12.75 16.20 -8.91
CA ALA A 111 -13.55 16.63 -7.77
C ALA A 111 -13.38 15.71 -6.59
N ARG A 112 -13.40 14.40 -6.87
CA ARG A 112 -13.25 13.39 -5.83
C ARG A 112 -11.85 13.43 -5.20
N ALA A 113 -10.83 13.67 -6.02
CA ALA A 113 -9.47 13.73 -5.51
C ALA A 113 -9.34 14.93 -4.57
N VAL A 114 -9.99 16.03 -4.94
CA VAL A 114 -9.95 17.22 -4.09
C VAL A 114 -10.71 16.90 -2.80
N GLY A 115 -11.82 16.20 -2.93
CA GLY A 115 -12.60 15.83 -1.76
C GLY A 115 -11.82 14.94 -0.81
N ASP A 116 -11.08 13.99 -1.37
CA ASP A 116 -10.28 13.07 -0.56
C ASP A 116 -9.01 13.71 -0.02
N GLY A 117 -8.76 14.95 -0.44
CA GLY A 117 -7.58 15.66 0.01
C GLY A 117 -6.24 15.30 -0.61
N ILE A 118 -6.24 14.59 -1.74
CA ILE A 118 -4.99 14.20 -2.38
C ILE A 118 -4.66 15.11 -3.55
N LEU A 119 -5.48 16.15 -3.74
CA LEU A 119 -5.30 17.13 -4.79
C LEU A 119 -5.72 18.47 -4.20
N CYS A 120 -4.80 19.44 -4.21
CA CYS A 120 -5.06 20.76 -3.65
C CYS A 120 -6.30 21.44 -4.22
N ASN A 121 -7.02 22.15 -3.36
CA ASN A 121 -8.22 22.86 -3.75
C ASN A 121 -7.94 24.00 -4.71
N THR A 122 -6.66 24.34 -4.88
CA THR A 122 -6.28 25.42 -5.79
C THR A 122 -5.81 24.86 -7.13
N TYR A 123 -5.77 23.54 -7.24
CA TYR A 123 -5.33 22.89 -8.48
C TYR A 123 -6.12 23.37 -9.68
N ILE A 124 -7.45 23.38 -9.54
CA ILE A 124 -8.34 23.82 -10.62
C ILE A 124 -8.12 25.28 -10.97
N ASP A 125 -8.01 26.12 -9.95
CA ASP A 125 -7.80 27.55 -10.15
C ASP A 125 -6.55 27.84 -10.98
N SER A 126 -5.44 27.22 -10.62
CA SER A 126 -4.19 27.43 -11.34
C SER A 126 -4.36 27.24 -12.85
N TYR A 127 -5.28 26.38 -13.24
CA TYR A 127 -5.54 26.13 -14.66
C TYR A 127 -6.56 27.08 -15.24
N LYS A 128 -7.09 27.98 -14.40
CA LYS A 128 -8.08 28.94 -14.85
C LYS A 128 -7.39 30.06 -15.64
N GLY A 129 -7.38 29.94 -16.97
CA GLY A 129 -6.76 30.95 -17.79
C GLY A 129 -5.35 30.56 -18.23
N THR A 130 -5.07 29.27 -18.18
CA THR A 130 -3.77 28.72 -18.57
C THR A 130 -3.96 27.56 -19.54
N VAL A 131 -5.21 27.18 -19.77
CA VAL A 131 -5.52 26.07 -20.67
C VAL A 131 -6.09 26.51 -22.01
N ASP A 132 -5.59 25.91 -23.08
CA ASP A 132 -6.04 26.22 -24.43
C ASP A 132 -6.98 25.11 -24.88
N CYS A 133 -6.63 23.89 -24.50
CA CYS A 133 -7.40 22.70 -24.86
C CYS A 133 -8.83 22.77 -24.34
N VAL A 134 -9.80 22.75 -25.25
CA VAL A 134 -11.19 22.82 -24.84
C VAL A 134 -11.63 21.57 -24.08
N GLN A 135 -10.97 20.44 -24.34
CA GLN A 135 -11.33 19.21 -23.63
C GLN A 135 -10.88 19.32 -22.18
N ALA A 136 -9.67 19.83 -21.96
CA ALA A 136 -9.14 19.99 -20.61
C ALA A 136 -10.02 21.00 -19.88
N ARG A 137 -10.42 22.05 -20.60
CA ARG A 137 -11.28 23.07 -20.01
C ARG A 137 -12.62 22.50 -19.56
N ALA A 138 -13.21 21.64 -20.38
CA ALA A 138 -14.49 21.03 -20.06
C ALA A 138 -14.39 20.16 -18.80
N ALA A 139 -13.25 19.49 -18.64
CA ALA A 139 -13.04 18.63 -17.48
C ALA A 139 -12.91 19.48 -16.23
N LEU A 140 -12.13 20.56 -16.33
CA LEU A 140 -11.92 21.47 -15.21
C LEU A 140 -13.24 22.14 -14.82
N ASP A 141 -14.03 22.51 -15.82
CA ASP A 141 -15.31 23.16 -15.55
C ASP A 141 -16.29 22.21 -14.86
N LYS A 142 -16.28 20.94 -15.26
CA LYS A 142 -17.16 19.95 -14.66
C LYS A 142 -16.74 19.75 -13.21
N ALA A 143 -15.43 19.69 -12.97
CA ALA A 143 -14.91 19.50 -11.62
C ALA A 143 -15.39 20.66 -10.75
N THR A 144 -15.32 21.87 -11.30
CA THR A 144 -15.75 23.06 -10.56
C THR A 144 -17.20 22.95 -10.14
N VAL A 145 -18.06 22.55 -11.09
CA VAL A 145 -19.48 22.39 -10.80
C VAL A 145 -19.73 21.34 -9.72
N LEU A 146 -19.06 20.20 -9.81
CA LEU A 146 -19.25 19.15 -8.82
C LEU A 146 -18.81 19.55 -7.43
N LEU A 147 -17.80 20.40 -7.33
CA LEU A 147 -17.29 20.83 -6.04
C LEU A 147 -18.17 21.92 -5.41
N SER A 148 -18.94 22.62 -6.24
CA SER A 148 -19.81 23.67 -5.76
C SER A 148 -21.03 23.06 -5.06
N SER A 150 -20.94 20.17 -3.49
CA SER A 150 -20.40 19.14 -2.62
C SER A 150 -21.20 19.05 -1.32
N LEU B 2 11.50 -26.82 18.19
CA LEU B 2 12.13 -26.19 19.38
C LEU B 2 11.68 -24.74 19.49
N PRO B 3 11.75 -24.16 20.71
CA PRO B 3 12.23 -24.82 21.93
C PRO B 3 11.14 -25.59 22.67
N LEU B 4 10.75 -25.08 23.85
CA LEU B 4 9.74 -25.69 24.68
C LEU B 4 8.34 -25.78 24.07
N ASP B 5 7.35 -25.30 24.84
CA ASP B 5 5.96 -25.32 24.43
C ASP B 5 5.61 -24.48 23.22
N GLU B 6 6.49 -24.47 22.23
CA GLU B 6 6.26 -23.70 21.01
C GLU B 6 5.08 -24.28 20.22
N ARG B 7 4.95 -25.60 20.23
CA ARG B 7 3.86 -26.24 19.50
C ARG B 7 2.50 -25.93 20.11
N ALA B 8 2.42 -25.94 21.44
CA ALA B 8 1.17 -25.65 22.13
C ALA B 8 0.79 -24.20 21.82
N PHE B 9 1.81 -23.34 21.83
CA PHE B 9 1.63 -21.92 21.55
C PHE B 9 1.02 -21.74 20.16
N GLU B 10 1.64 -22.38 19.18
CA GLU B 10 1.17 -22.29 17.79
C GLU B 10 -0.24 -22.88 17.63
N LYS B 11 -0.53 -23.93 18.38
CA LYS B 11 -1.84 -24.58 18.32
C LYS B 11 -2.95 -23.66 18.84
N THR B 12 -2.65 -22.93 19.90
CA THR B 12 -3.62 -22.03 20.51
C THR B 12 -3.80 -20.72 19.76
N LEU B 13 -2.70 -20.10 19.35
CA LEU B 13 -2.75 -18.82 18.67
C LEU B 13 -3.15 -18.82 17.19
N THR B 14 -2.79 -19.86 16.46
CA THR B 14 -3.11 -19.91 15.04
C THR B 14 -4.59 -19.63 14.76
N PRO B 15 -5.50 -20.34 15.45
CA PRO B 15 -6.94 -20.11 15.23
C PRO B 15 -7.36 -18.67 15.52
N ILE B 16 -6.81 -18.10 16.58
CA ILE B 16 -7.13 -16.72 16.95
C ILE B 16 -6.74 -15.75 15.84
N ILE B 17 -5.54 -15.92 15.29
CA ILE B 17 -5.07 -15.04 14.24
C ILE B 17 -5.84 -15.25 12.94
N GLN B 18 -6.13 -16.51 12.60
CA GLN B 18 -6.88 -16.82 11.39
C GLN B 18 -8.26 -16.21 11.45
N GLU B 19 -8.87 -16.26 12.63
CA GLU B 19 -10.20 -15.69 12.83
C GLU B 19 -10.14 -14.19 12.64
N TYR B 20 -9.06 -13.59 13.14
CA TYR B 20 -8.87 -12.16 13.02
C TYR B 20 -8.86 -11.71 11.55
N PHE B 21 -8.22 -12.49 10.69
CA PHE B 21 -8.16 -12.13 9.27
C PHE B 21 -9.56 -12.02 8.67
N GLU B 22 -10.52 -12.64 9.34
CA GLU B 22 -11.90 -12.61 8.85
C GLU B 22 -12.75 -11.52 9.51
N HIS B 23 -12.72 -11.45 10.84
CA HIS B 23 -13.52 -10.44 11.54
C HIS B 23 -12.85 -9.07 11.70
N GLY B 24 -11.52 -9.04 11.62
CA GLY B 24 -10.78 -7.78 11.73
C GLY B 24 -10.88 -6.99 13.03
N ASP B 25 -11.27 -7.64 14.12
CA ASP B 25 -11.40 -6.98 15.41
C ASP B 25 -10.13 -7.22 16.22
N THR B 26 -9.23 -6.24 16.25
CA THR B 26 -7.99 -6.41 16.99
C THR B 26 -8.21 -6.68 18.48
N ASN B 27 -9.31 -6.17 19.03
CA ASN B 27 -9.61 -6.38 20.44
C ASN B 27 -9.81 -7.86 20.81
N GLU B 28 -10.28 -8.66 19.85
CA GLU B 28 -10.48 -10.08 20.11
C GLU B 28 -9.13 -10.74 20.35
N VAL B 29 -8.14 -10.35 19.55
CA VAL B 29 -6.79 -10.89 19.71
C VAL B 29 -6.20 -10.38 21.02
N ALA B 30 -6.36 -9.09 21.30
CA ALA B 30 -5.84 -8.49 22.53
C ALA B 30 -6.39 -9.19 23.76
N GLU B 31 -7.69 -9.49 23.77
CA GLU B 31 -8.29 -10.16 24.91
C GLU B 31 -7.66 -11.52 25.14
N LEU B 33 -4.69 -12.66 24.12
CA LEU B 33 -3.30 -12.56 24.54
C LEU B 33 -3.21 -12.17 26.00
N ARG B 34 -3.99 -11.19 26.40
CA ARG B 34 -4.01 -10.72 27.77
C ARG B 34 -4.25 -11.88 28.73
N ASP B 35 -5.31 -12.65 28.47
CA ASP B 35 -5.69 -13.78 29.32
C ASP B 35 -4.83 -15.04 29.24
N LEU B 36 -3.92 -15.09 28.27
CA LEU B 36 -3.03 -16.24 28.14
C LEU B 36 -1.77 -16.04 28.99
N ASN B 37 -1.59 -14.83 29.53
CA ASN B 37 -0.41 -14.54 30.36
C ASN B 37 0.84 -15.13 29.70
N LEU B 38 1.12 -14.71 28.47
CA LEU B 38 2.25 -15.24 27.74
C LEU B 38 3.63 -14.92 28.26
N GLY B 39 3.76 -13.82 29.00
CA GLY B 39 5.06 -13.44 29.53
C GLY B 39 6.07 -13.28 28.40
N GLU B 40 7.21 -13.95 28.51
CA GLU B 40 8.27 -13.86 27.51
C GLU B 40 7.83 -14.33 26.13
N LYS B 42 5.31 -13.58 24.56
CA LYS B 42 4.55 -12.56 23.84
C LYS B 42 5.17 -12.21 22.50
N SER B 43 6.49 -12.29 22.40
CA SER B 43 7.17 -11.95 21.15
C SER B 43 6.88 -12.96 20.03
N GLY B 44 6.36 -14.12 20.39
CA GLY B 44 6.04 -15.12 19.39
C GLY B 44 4.75 -14.80 18.66
N VAL B 45 3.98 -13.86 19.19
CA VAL B 45 2.71 -13.50 18.57
C VAL B 45 2.89 -12.78 17.23
N PRO B 46 3.73 -11.72 17.19
CA PRO B 46 3.90 -11.05 15.90
C PRO B 46 4.54 -11.96 14.86
N VAL B 47 5.46 -12.81 15.31
CA VAL B 47 6.12 -13.74 14.42
C VAL B 47 5.12 -14.66 13.75
N LEU B 48 4.26 -15.27 14.55
CA LEU B 48 3.25 -16.18 14.02
C LEU B 48 2.27 -15.45 13.11
N ALA B 49 1.82 -14.26 13.52
CA ALA B 49 0.87 -13.51 12.72
C ALA B 49 1.45 -13.16 11.34
N VAL B 50 2.68 -12.67 11.33
CA VAL B 50 3.35 -12.32 10.08
C VAL B 50 3.52 -13.59 9.23
N SER B 51 3.96 -14.67 9.87
CA SER B 51 4.16 -15.93 9.18
C SER B 51 2.89 -16.40 8.49
N LEU B 52 1.76 -16.29 9.16
CA LEU B 52 0.48 -16.70 8.57
C LEU B 52 0.06 -15.73 7.47
N ALA B 53 0.32 -14.44 7.69
CA ALA B 53 -0.05 -13.42 6.73
C ALA B 53 0.74 -13.55 5.44
N LEU B 54 1.99 -14.01 5.54
CA LEU B 54 2.83 -14.17 4.35
C LEU B 54 2.24 -15.19 3.38
N GLU B 55 1.50 -16.16 3.90
CA GLU B 55 0.89 -17.18 3.06
C GLU B 55 -0.53 -16.80 2.67
N GLY B 56 -0.97 -15.60 3.09
CA GLY B 56 -2.30 -15.12 2.77
C GLY B 56 -2.26 -14.06 1.68
N LYS B 57 -3.23 -13.16 1.68
CA LYS B 57 -3.32 -12.10 0.69
C LYS B 57 -2.76 -10.78 1.22
N ALA B 58 -2.59 -9.81 0.32
CA ALA B 58 -2.06 -8.50 0.69
C ALA B 58 -2.90 -7.88 1.81
N SER B 59 -4.23 -8.08 1.76
CA SER B 59 -5.10 -7.53 2.79
C SER B 59 -4.76 -8.08 4.18
N HIS B 60 -4.42 -9.36 4.24
CA HIS B 60 -4.08 -9.98 5.52
C HIS B 60 -2.78 -9.39 6.08
N ARG B 61 -1.85 -9.02 5.20
CA ARG B 61 -0.61 -8.45 5.67
C ARG B 61 -0.83 -7.05 6.21
N GLU B 62 -1.69 -6.28 5.53
CA GLU B 62 -2.01 -4.93 5.98
C GLU B 62 -2.71 -5.03 7.35
N THR B 64 -2.36 -7.34 9.53
CA THR B 64 -1.39 -7.76 10.53
C THR B 64 -0.58 -6.56 11.01
N SER B 65 -0.20 -5.69 10.09
CA SER B 65 0.53 -4.49 10.49
C SER B 65 -0.34 -3.66 11.44
N LYS B 66 -1.64 -3.60 11.15
CA LYS B 66 -2.56 -2.86 12.00
C LYS B 66 -2.67 -3.53 13.37
N LEU B 67 -2.68 -4.86 13.36
CA LEU B 67 -2.78 -5.64 14.58
C LEU B 67 -1.59 -5.36 15.49
N LEU B 68 -0.39 -5.39 14.92
CA LEU B 68 0.83 -5.13 15.68
C LEU B 68 0.75 -3.76 16.32
N SER B 69 0.31 -2.77 15.53
CA SER B 69 0.21 -1.41 16.04
C SER B 69 -0.75 -1.34 17.23
N ASP B 70 -1.90 -2.01 17.13
CA ASP B 70 -2.88 -1.99 18.21
C ASP B 70 -2.44 -2.73 19.46
N LEU B 71 -1.77 -3.87 19.27
CA LEU B 71 -1.33 -4.68 20.41
C LEU B 71 -0.21 -4.05 21.21
N CYS B 72 0.70 -3.37 20.51
CA CYS B 72 1.83 -2.72 21.18
C CYS B 72 1.33 -1.52 21.97
N GLY B 73 1.60 -1.53 23.27
CA GLY B 73 1.16 -0.43 24.11
C GLY B 73 -0.11 -0.78 24.87
N THR B 74 -0.68 -1.94 24.55
CA THR B 74 -1.91 -2.39 25.20
C THR B 74 -1.72 -3.76 25.86
N VAL B 75 -1.19 -4.71 25.10
CA VAL B 75 -0.96 -6.05 25.64
C VAL B 75 0.49 -6.50 25.49
N SER B 77 4.80 -4.86 24.75
CA SER B 77 5.70 -3.72 24.70
C SER B 77 6.54 -3.63 23.44
N THR B 78 7.22 -2.50 23.28
CA THR B 78 8.10 -2.29 22.14
C THR B 78 9.26 -3.27 22.21
N THR B 79 9.63 -3.69 23.43
CA THR B 79 10.71 -4.65 23.55
C THR B 79 10.24 -5.99 23.02
N ASP B 80 8.99 -6.34 23.28
CA ASP B 80 8.44 -7.60 22.76
C ASP B 80 8.47 -7.54 21.23
N VAL B 81 8.00 -6.42 20.69
CA VAL B 81 7.96 -6.24 19.24
C VAL B 81 9.34 -6.35 18.61
N GLU B 82 10.34 -5.73 19.23
CA GLU B 82 11.70 -5.79 18.71
C GLU B 82 12.19 -7.23 18.67
N LYS B 83 11.86 -8.00 19.70
CA LYS B 83 12.27 -9.39 19.76
C LYS B 83 11.60 -10.19 18.64
N SER B 84 10.34 -9.87 18.36
CA SER B 84 9.58 -10.55 17.32
C SER B 84 10.26 -10.39 15.97
N PHE B 85 10.66 -9.15 15.67
CA PHE B 85 11.32 -8.90 14.40
C PHE B 85 12.70 -9.55 14.32
N ASP B 86 13.39 -9.65 15.46
CA ASP B 86 14.68 -10.32 15.44
C ASP B 86 14.46 -11.78 15.05
N LYS B 87 13.41 -12.38 15.60
CA LYS B 87 13.05 -13.77 15.30
C LYS B 87 12.63 -13.94 13.85
N LEU B 88 11.84 -12.99 13.34
CA LEU B 88 11.38 -13.06 11.95
C LEU B 88 12.54 -13.03 10.98
N LEU B 89 13.53 -12.19 11.25
CA LEU B 89 14.69 -12.09 10.37
C LEU B 89 15.46 -13.40 10.37
N LYS B 90 15.50 -14.08 11.51
CA LYS B 90 16.21 -15.35 11.61
C LYS B 90 15.40 -16.45 10.93
N ASP B 91 14.08 -16.31 10.93
CA ASP B 91 13.19 -17.29 10.32
C ASP B 91 13.00 -17.10 8.81
N LEU B 92 13.51 -16.00 8.26
CA LEU B 92 13.33 -15.73 6.83
C LEU B 92 13.68 -16.86 5.86
N PRO B 93 14.81 -17.55 6.08
CA PRO B 93 15.13 -18.64 5.14
C PRO B 93 14.00 -19.66 5.04
N GLU B 94 13.46 -20.06 6.19
CA GLU B 94 12.37 -21.03 6.26
C GLU B 94 11.09 -20.47 5.65
N LEU B 95 10.80 -19.21 5.93
CA LEU B 95 9.61 -18.57 5.39
C LEU B 95 9.69 -18.42 3.87
N ALA B 96 10.89 -18.10 3.37
CA ALA B 96 11.11 -17.91 1.95
C ALA B 96 10.89 -19.17 1.11
N LEU B 97 11.01 -20.35 1.72
CA LEU B 97 10.81 -21.58 0.97
C LEU B 97 9.35 -21.70 0.52
N ASP B 98 8.44 -21.19 1.33
CA ASP B 98 7.01 -21.23 1.03
C ASP B 98 6.51 -19.95 0.37
N THR B 99 7.17 -18.85 0.68
CA THR B 99 6.80 -17.55 0.13
C THR B 99 8.04 -16.85 -0.42
N PRO B 100 8.27 -16.95 -1.74
CA PRO B 100 9.42 -16.34 -2.41
C PRO B 100 9.65 -14.87 -2.06
N ARG B 101 8.58 -14.10 -1.95
CA ARG B 101 8.71 -12.68 -1.64
C ARG B 101 8.78 -12.37 -0.15
N ALA B 102 8.97 -13.40 0.68
CA ALA B 102 9.04 -13.18 2.12
C ALA B 102 10.00 -12.05 2.53
N PRO B 103 11.22 -12.03 1.96
CA PRO B 103 12.14 -10.95 2.35
C PRO B 103 11.58 -9.54 2.09
N GLN B 104 11.04 -9.30 0.89
CA GLN B 104 10.49 -7.99 0.58
C GLN B 104 9.27 -7.67 1.45
N LEU B 105 8.43 -8.66 1.69
CA LEU B 105 7.23 -8.46 2.51
C LEU B 105 7.58 -8.17 3.97
N VAL B 106 8.63 -8.81 4.46
CA VAL B 106 9.07 -8.59 5.83
C VAL B 106 9.66 -7.18 5.88
N GLY B 107 10.27 -6.77 4.78
CA GLY B 107 10.83 -5.42 4.70
C GLY B 107 9.71 -4.41 4.88
N GLN B 108 8.55 -4.68 4.28
CA GLN B 108 7.41 -3.79 4.41
C GLN B 108 6.89 -3.84 5.84
N PHE B 109 6.88 -5.02 6.44
CA PHE B 109 6.40 -5.12 7.82
C PHE B 109 7.28 -4.26 8.72
N ILE B 110 8.58 -4.31 8.48
CA ILE B 110 9.53 -3.52 9.26
C ILE B 110 9.28 -2.03 9.06
N ALA B 111 9.18 -1.61 7.79
CA ALA B 111 8.94 -0.21 7.48
C ALA B 111 7.64 0.31 8.11
N ARG B 112 6.59 -0.50 8.07
CA ARG B 112 5.29 -0.11 8.65
C ARG B 112 5.38 0.00 10.17
N ALA B 113 6.14 -0.91 10.79
CA ALA B 113 6.30 -0.91 12.23
C ALA B 113 7.06 0.34 12.67
N VAL B 114 8.09 0.71 11.91
CA VAL B 114 8.85 1.90 12.25
C VAL B 114 7.94 3.11 12.07
N GLY B 115 7.16 3.11 10.99
CA GLY B 115 6.25 4.19 10.73
C GLY B 115 5.23 4.34 11.84
N ASP B 116 4.77 3.22 12.38
CA ASP B 116 3.79 3.23 13.46
C ASP B 116 4.38 3.51 14.83
N GLY B 117 5.69 3.60 14.91
CA GLY B 117 6.35 3.89 16.17
C GLY B 117 6.50 2.72 17.13
N ILE B 118 6.18 1.51 16.68
CA ILE B 118 6.31 0.34 17.54
C ILE B 118 7.69 -0.29 17.40
N LEU B 119 8.46 0.19 16.44
CA LEU B 119 9.82 -0.30 16.20
C LEU B 119 10.70 0.94 16.08
N CYS B 120 11.82 0.95 16.81
CA CYS B 120 12.73 2.09 16.80
C CYS B 120 13.34 2.41 15.44
N ASN B 121 13.65 3.68 15.24
CA ASN B 121 14.26 4.14 13.99
C ASN B 121 15.69 3.63 13.82
N THR B 122 16.32 3.27 14.93
CA THR B 122 17.70 2.78 14.89
C THR B 122 17.77 1.27 14.70
N TYR B 123 16.61 0.61 14.66
CA TYR B 123 16.56 -0.84 14.52
C TYR B 123 17.34 -1.38 13.32
N ILE B 124 17.01 -0.89 12.13
CA ILE B 124 17.69 -1.34 10.91
C ILE B 124 19.20 -1.14 10.96
N ASP B 125 19.61 0.07 11.33
CA ASP B 125 21.03 0.41 11.40
C ASP B 125 21.80 -0.43 12.42
N SER B 126 21.11 -0.89 13.46
CA SER B 126 21.75 -1.71 14.50
C SER B 126 22.35 -2.99 13.93
N TYR B 127 21.84 -3.41 12.77
CA TYR B 127 22.31 -4.62 12.11
C TYR B 127 23.51 -4.42 11.18
N LYS B 128 23.84 -3.17 10.87
CA LYS B 128 24.95 -2.90 9.97
C LYS B 128 26.22 -3.65 10.30
N GLY B 129 26.74 -4.37 9.30
CA GLY B 129 27.97 -5.13 9.46
C GLY B 129 27.87 -6.38 10.31
N THR B 130 26.66 -6.89 10.53
CA THR B 130 26.49 -8.09 11.34
C THR B 130 25.62 -9.16 10.70
N VAL B 131 25.05 -8.87 9.52
CA VAL B 131 24.18 -9.83 8.86
C VAL B 131 24.88 -10.70 7.82
N ASP B 132 24.88 -12.01 8.05
CA ASP B 132 25.49 -12.95 7.13
C ASP B 132 24.45 -13.53 6.19
N CYS B 133 23.21 -13.58 6.65
CA CYS B 133 22.11 -14.11 5.86
C CYS B 133 21.69 -13.14 4.75
N VAL B 134 21.80 -13.60 3.50
CA VAL B 134 21.46 -12.76 2.36
C VAL B 134 19.98 -12.38 2.29
N GLN B 135 19.12 -13.22 2.87
CA GLN B 135 17.70 -12.94 2.85
C GLN B 135 17.34 -11.90 3.91
N ALA B 136 17.96 -12.00 5.07
CA ALA B 136 17.72 -11.03 6.13
C ALA B 136 18.24 -9.68 5.64
N ARG B 137 19.36 -9.71 4.94
CA ARG B 137 19.94 -8.48 4.40
C ARG B 137 18.99 -7.84 3.40
N ALA B 138 18.37 -8.66 2.55
CA ALA B 138 17.43 -8.17 1.56
C ALA B 138 16.23 -7.50 2.24
N ALA B 139 15.72 -8.13 3.29
CA ALA B 139 14.57 -7.58 4.01
C ALA B 139 14.93 -6.21 4.60
N LEU B 140 16.10 -6.17 5.23
CA LEU B 140 16.58 -4.94 5.84
C LEU B 140 16.79 -3.87 4.78
N ASP B 141 17.36 -4.26 3.64
CA ASP B 141 17.61 -3.33 2.55
C ASP B 141 16.30 -2.75 2.00
N LYS B 142 15.30 -3.60 1.84
CA LYS B 142 14.00 -3.16 1.34
C LYS B 142 13.34 -2.22 2.34
N ALA B 143 13.45 -2.53 3.62
CA ALA B 143 12.85 -1.67 4.64
C ALA B 143 13.48 -0.27 4.54
N THR B 144 14.79 -0.24 4.34
CA THR B 144 15.54 1.01 4.23
C THR B 144 15.02 1.85 3.07
N VAL B 145 14.92 1.22 1.90
CA VAL B 145 14.43 1.90 0.72
C VAL B 145 13.05 2.50 1.00
N LEU B 146 12.15 1.67 1.54
CA LEU B 146 10.80 2.12 1.84
C LEU B 146 10.77 3.30 2.81
N LEU B 147 11.57 3.23 3.88
CA LEU B 147 11.59 4.31 4.85
C LEU B 147 12.16 5.59 4.25
N SER B 148 13.06 5.44 3.29
CA SER B 148 13.63 6.61 2.62
C SER B 148 12.56 7.23 1.75
N SER B 150 9.62 7.30 2.25
CA SER B 150 8.74 8.01 3.16
C SER B 150 9.40 9.30 3.66
#